data_2VUL
#
_entry.id   2VUL
#
_cell.length_a   64.669
_cell.length_b   33.594
_cell.length_c   83.142
_cell.angle_alpha   90.00
_cell.angle_beta   101.90
_cell.angle_gamma   90.00
#
_symmetry.space_group_name_H-M   'C 1 2 1'
#
loop_
_entity.id
_entity.type
_entity.pdbx_description
1 polymer 'GH11 XYLANASE'
2 non-polymer 'SULFATE ION'
3 non-polymer 'DODECAETHYLENE GLYCOL'
4 water water
#
_entity_poly.entity_id   1
_entity_poly.type   'polypeptide(L)'
_entity_poly.pdbx_seq_one_letter_code
;MISLKRVAALLCVAGLGMSAANAQTCLTSPQTGFHNGFFYSFWKDSPGTVNFCLLEGGRYTSNWSGINNWVGGKGWQTGS
RRNITYSGSFNTPGNGYLALYGWTTNPLVEYYVVDSWGSWRPPGSDGTFLGTVNSDGGTYDIYRAQRVNAPSIIGNATFY
QYWSVRQSKRVGGTITTGNHFDAWASVGLNLGTHNYQIMATEGYQSSGSSDITVSS
;
_entity_poly.pdbx_strand_id   A
#
loop_
_chem_comp.id
_chem_comp.type
_chem_comp.name
_chem_comp.formula
12P non-polymer 'DODECAETHYLENE GLYCOL' 'C24 H50 O13'
SO4 non-polymer 'SULFATE ION' 'O4 S -2'
#
# COMPACT_ATOMS: atom_id res chain seq x y z
N ALA A 23 5.43 22.11 -11.84
CA ALA A 23 6.74 21.43 -11.70
C ALA A 23 6.60 20.08 -10.99
N GLN A 24 7.53 19.17 -11.23
CA GLN A 24 7.58 17.96 -10.43
C GLN A 24 8.82 17.96 -9.52
N THR A 25 8.66 17.43 -8.31
CA THR A 25 9.70 17.42 -7.30
C THR A 25 10.08 15.96 -7.03
N CYS A 26 11.34 15.61 -7.27
CA CYS A 26 11.78 14.22 -7.16
C CYS A 26 12.75 14.04 -5.97
N LEU A 27 12.49 13.03 -5.16
CA LEU A 27 13.21 12.76 -3.91
C LEU A 27 13.91 11.42 -3.99
N THR A 28 15.01 11.28 -3.24
CA THR A 28 15.67 9.98 -3.07
C THR A 28 15.81 9.62 -1.58
N SER A 29 15.55 10.59 -0.69
CA SER A 29 15.60 10.31 0.76
C SER A 29 14.21 10.18 1.32
N PRO A 30 13.98 9.16 2.15
CA PRO A 30 12.69 8.93 2.77
C PRO A 30 12.21 10.13 3.60
N GLN A 31 10.94 10.48 3.39
CA GLN A 31 10.32 11.64 4.06
C GLN A 31 8.82 11.63 3.82
N THR A 32 8.11 12.47 4.58
CA THR A 32 6.67 12.69 4.38
C THR A 32 6.40 14.16 4.22
N GLY A 33 5.19 14.50 3.79
CA GLY A 33 4.81 15.91 3.73
C GLY A 33 3.53 16.06 2.97
N PHE A 34 3.34 17.23 2.39
CA PHE A 34 2.13 17.50 1.63
C PHE A 34 2.51 18.06 0.27
N HIS A 35 1.80 17.63 -0.77
CA HIS A 35 2.11 18.11 -2.13
C HIS A 35 0.80 18.21 -2.91
N ASN A 36 0.52 19.40 -3.42
CA ASN A 36 -0.76 19.68 -4.09
C ASN A 36 -2.01 19.24 -3.28
N GLY A 37 -1.95 19.43 -1.97
CA GLY A 37 -3.10 19.14 -1.13
C GLY A 37 -3.17 17.66 -0.70
N PHE A 38 -2.25 16.85 -1.19
CA PHE A 38 -2.22 15.43 -0.81
C PHE A 38 -1.08 15.17 0.15
N PHE A 39 -1.35 14.38 1.19
CA PHE A 39 -0.28 13.80 2.00
C PHE A 39 0.54 12.85 1.13
N TYR A 40 1.84 12.73 1.43
CA TYR A 40 2.67 11.68 0.82
C TYR A 40 3.62 11.10 1.84
N SER A 41 3.87 9.81 1.71
CA SER A 41 4.92 9.15 2.49
C SER A 41 5.79 8.38 1.50
N PHE A 42 7.09 8.56 1.65
CA PHE A 42 8.10 7.87 0.85
C PHE A 42 9.06 7.22 1.86
N TRP A 43 9.04 5.89 1.92
CA TRP A 43 9.90 5.19 2.86
C TRP A 43 10.74 4.15 2.13
N LYS A 44 11.98 3.99 2.59
CA LYS A 44 12.88 2.94 2.12
C LYS A 44 13.91 2.68 3.21
N ASP A 45 14.40 1.44 3.27
CA ASP A 45 15.62 1.15 4.02
C ASP A 45 16.81 1.48 3.12
N SER A 46 18.02 1.29 3.62
CA SER A 46 19.18 1.90 2.99
C SER A 46 19.61 1.40 1.60
N PRO A 47 19.51 0.07 1.30
CA PRO A 47 20.02 -0.37 -0.01
C PRO A 47 19.33 0.23 -1.24
N GLY A 48 20.12 0.48 -2.27
CA GLY A 48 19.62 0.87 -3.58
C GLY A 48 19.04 2.26 -3.66
N THR A 49 18.33 2.53 -4.75
CA THR A 49 17.87 3.85 -5.09
C THR A 49 16.37 3.81 -5.44
N VAL A 50 15.60 4.72 -4.83
CA VAL A 50 14.23 5.03 -5.29
C VAL A 50 14.17 6.50 -5.72
N ASN A 51 13.74 6.73 -6.95
CA ASN A 51 13.43 8.06 -7.43
C ASN A 51 11.93 8.20 -7.28
N PHE A 52 11.50 8.92 -6.24
CA PHE A 52 10.07 9.09 -5.91
C PHE A 52 9.71 10.53 -6.28
N CYS A 53 8.82 10.68 -7.25
CA CYS A 53 8.53 12.00 -7.80
C CYS A 53 7.11 12.41 -7.57
N LEU A 54 6.95 13.67 -7.19
CA LEU A 54 5.67 14.25 -6.84
C LEU A 54 5.24 15.13 -8.01
N LEU A 55 4.11 14.79 -8.64
CA LEU A 55 3.60 15.48 -9.83
C LEU A 55 2.26 16.21 -9.58
N GLU A 56 1.69 16.76 -10.60
CA GLU A 56 0.48 17.56 -10.52
C GLU A 56 -0.65 16.83 -9.77
N GLY A 57 -1.42 17.57 -8.99
CA GLY A 57 -2.54 16.97 -8.29
C GLY A 57 -2.14 15.76 -7.46
N GLY A 58 -2.89 14.67 -7.63
CA GLY A 58 -2.71 13.45 -6.84
C GLY A 58 -1.74 12.48 -7.46
N ARG A 59 -0.92 12.96 -8.41
CA ARG A 59 -0.01 12.07 -9.13
C ARG A 59 1.37 11.97 -8.48
N TYR A 60 1.91 10.74 -8.50
CA TYR A 60 3.30 10.50 -8.14
C TYR A 60 3.88 9.44 -9.09
N THR A 61 5.21 9.43 -9.22
CA THR A 61 5.87 8.33 -9.94
C THR A 61 6.95 7.71 -9.07
N SER A 62 7.30 6.45 -9.37
CA SER A 62 8.44 5.84 -8.70
C SER A 62 9.28 5.02 -9.70
N ASN A 63 10.57 4.94 -9.44
CA ASN A 63 11.47 4.10 -10.23
C ASN A 63 12.45 3.59 -9.20
N TRP A 64 12.54 2.27 -9.04
CA TRP A 64 13.37 1.70 -7.99
C TRP A 64 14.31 0.65 -8.53
N SER A 65 15.50 0.56 -7.95
CA SER A 65 16.46 -0.49 -8.30
C SER A 65 17.39 -0.80 -7.15
N GLY A 66 17.65 -2.09 -6.96
CA GLY A 66 18.60 -2.57 -5.95
C GLY A 66 18.19 -2.37 -4.52
N ILE A 67 16.88 -2.17 -4.30
CA ILE A 67 16.37 -1.91 -2.98
C ILE A 67 16.15 -3.21 -2.22
N ASN A 68 16.03 -3.09 -0.90
CA ASN A 68 15.57 -4.21 -0.11
C ASN A 68 14.05 -4.11 0.09
N ASN A 69 13.60 -3.03 0.76
CA ASN A 69 12.16 -2.74 0.92
C ASN A 69 11.90 -1.23 0.81
N TRP A 70 10.90 -0.84 0.00
CA TRP A 70 10.45 0.56 -0.03
C TRP A 70 8.92 0.57 -0.21
N VAL A 71 8.26 1.62 0.27
CA VAL A 71 6.82 1.80 0.12
C VAL A 71 6.59 3.31 0.08
N GLY A 72 5.74 3.77 -0.84
CA GLY A 72 5.35 5.17 -0.88
C GLY A 72 4.21 5.47 -1.83
N GLY A 73 3.66 6.66 -1.70
CA GLY A 73 2.52 7.12 -2.50
C GLY A 73 1.88 8.37 -1.89
N LYS A 74 0.78 8.78 -2.52
CA LYS A 74 -0.02 9.93 -2.11
C LYS A 74 -1.35 9.47 -1.54
N GLY A 75 -1.88 10.31 -0.68
CA GLY A 75 -3.16 10.02 -0.10
C GLY A 75 -3.48 11.01 0.99
N TRP A 76 -3.71 10.46 2.18
CA TRP A 76 -4.23 11.24 3.31
C TRP A 76 -3.42 10.99 4.57
N GLN A 77 -3.20 12.06 5.33
CA GLN A 77 -2.45 11.97 6.59
C GLN A 77 -3.20 11.15 7.64
N THR A 78 -4.54 11.21 7.59
CA THR A 78 -5.40 10.38 8.43
C THR A 78 -6.41 9.63 7.55
N GLY A 79 -6.39 8.31 7.61
CA GLY A 79 -7.35 7.51 6.87
C GLY A 79 -8.79 7.60 7.35
N SER A 80 -9.69 7.17 6.46
CA SER A 80 -11.12 7.07 6.78
C SER A 80 -11.75 6.01 5.87
N ARG A 81 -13.07 5.95 5.89
CA ARG A 81 -13.87 5.13 4.97
C ARG A 81 -14.10 5.81 3.61
N ARG A 82 -13.30 6.82 3.27
CA ARG A 82 -13.45 7.48 1.96
C ARG A 82 -13.31 6.47 0.83
N ASN A 83 -13.93 6.75 -0.31
CA ASN A 83 -13.71 5.96 -1.50
C ASN A 83 -12.57 6.57 -2.27
N ILE A 84 -11.67 5.73 -2.77
CA ILE A 84 -10.42 6.20 -3.32
C ILE A 84 -10.32 5.72 -4.77
N THR A 85 -10.11 6.65 -5.68
CA THR A 85 -9.99 6.35 -7.11
C THR A 85 -8.57 6.64 -7.53
N TYR A 86 -8.03 5.81 -8.43
CA TYR A 86 -6.66 5.96 -8.86
C TYR A 86 -6.55 5.41 -10.28
N SER A 87 -5.56 5.88 -11.02
CA SER A 87 -5.29 5.38 -12.36
C SER A 87 -3.81 5.41 -12.60
N GLY A 88 -3.33 4.67 -13.60
CA GLY A 88 -1.92 4.76 -13.98
C GLY A 88 -1.26 3.46 -14.38
N SER A 89 0.00 3.27 -13.99
CA SER A 89 0.72 2.08 -14.40
C SER A 89 1.63 1.57 -13.27
N PHE A 90 1.90 0.26 -13.28
CA PHE A 90 2.74 -0.36 -12.26
C PHE A 90 3.39 -1.56 -12.92
N ASN A 91 4.70 -1.72 -12.73
CA ASN A 91 5.43 -2.80 -13.37
C ASN A 91 6.70 -3.15 -12.61
N THR A 92 6.88 -4.44 -12.36
CA THR A 92 8.14 -4.95 -11.83
C THR A 92 8.28 -6.40 -12.27
N PRO A 93 9.49 -6.78 -12.74
CA PRO A 93 9.76 -8.20 -12.98
C PRO A 93 10.05 -9.00 -11.70
N GLY A 94 10.09 -8.33 -10.55
CA GLY A 94 10.31 -9.01 -9.28
C GLY A 94 9.16 -8.80 -8.32
N ASN A 95 9.48 -8.78 -7.03
CA ASN A 95 8.48 -8.64 -5.94
C ASN A 95 8.09 -7.17 -5.74
N GLY A 96 6.80 -6.88 -5.89
CA GLY A 96 6.26 -5.57 -5.57
C GLY A 96 4.74 -5.59 -5.61
N TYR A 97 4.13 -4.58 -5.00
CA TYR A 97 2.68 -4.49 -4.87
C TYR A 97 2.18 -3.10 -5.22
N LEU A 98 0.97 -3.06 -5.75
CA LEU A 98 0.21 -1.82 -5.92
C LEU A 98 -1.03 -1.96 -5.05
N ALA A 99 -1.16 -1.07 -4.06
CA ALA A 99 -2.15 -1.31 -3.00
C ALA A 99 -2.59 -0.04 -2.30
N LEU A 100 -3.87 0.02 -1.91
CA LEU A 100 -4.28 0.97 -0.90
C LEU A 100 -3.59 0.47 0.37
N TYR A 101 -2.95 1.40 1.08
CA TYR A 101 -2.01 1.04 2.12
C TYR A 101 -2.11 2.01 3.29
N GLY A 102 -2.15 1.48 4.49
CA GLY A 102 -2.24 2.35 5.64
C GLY A 102 -1.97 1.69 6.96
N TRP A 103 -2.03 2.53 8.00
CA TRP A 103 -1.79 2.06 9.36
C TRP A 103 -2.86 2.56 10.31
N THR A 104 -3.05 1.78 11.38
CA THR A 104 -3.76 2.24 12.58
C THR A 104 -2.86 2.01 13.80
N THR A 105 -3.22 2.67 14.91
CA THR A 105 -2.55 2.46 16.20
C THR A 105 -3.58 2.02 17.22
N ASN A 106 -3.10 1.28 18.23
CA ASN A 106 -3.95 0.72 19.30
C ASN A 106 -5.29 0.10 18.82
N PRO A 107 -5.23 -1.04 18.11
CA PRO A 107 -4.00 -1.81 17.82
C PRO A 107 -3.16 -1.26 16.64
N LEU A 108 -1.85 -1.51 16.70
CA LEU A 108 -0.90 -1.29 15.60
C LEU A 108 -1.23 -2.27 14.48
N VAL A 109 -1.69 -1.75 13.34
CA VAL A 109 -2.02 -2.63 12.22
C VAL A 109 -1.49 -1.99 10.95
N GLU A 110 -0.87 -2.80 10.10
CA GLU A 110 -0.52 -2.37 8.76
C GLU A 110 -1.53 -3.06 7.86
N TYR A 111 -2.28 -2.28 7.10
CA TYR A 111 -3.31 -2.87 6.23
C TYR A 111 -3.08 -2.60 4.74
N TYR A 112 -3.64 -3.48 3.92
CA TYR A 112 -3.43 -3.43 2.48
C TYR A 112 -4.70 -3.82 1.71
N VAL A 113 -5.01 -3.08 0.65
CA VAL A 113 -6.00 -3.54 -0.35
C VAL A 113 -5.23 -3.63 -1.66
N VAL A 114 -4.83 -4.86 -2.00
CA VAL A 114 -3.86 -5.09 -3.08
C VAL A 114 -4.60 -5.32 -4.40
N ASP A 115 -4.29 -4.49 -5.40
CA ASP A 115 -4.92 -4.59 -6.71
C ASP A 115 -3.99 -5.23 -7.72
N SER A 116 -2.67 -5.06 -7.54
CA SER A 116 -1.73 -5.74 -8.43
C SER A 116 -0.46 -6.11 -7.66
N TRP A 117 0.30 -7.04 -8.23
CA TRP A 117 1.57 -7.50 -7.65
C TRP A 117 2.50 -7.91 -8.80
N GLY A 118 3.77 -8.16 -8.47
CA GLY A 118 4.74 -8.63 -9.49
C GLY A 118 4.82 -10.16 -9.49
N SER A 119 5.97 -10.71 -9.11
CA SER A 119 6.23 -12.18 -9.14
C SER A 119 5.44 -12.97 -8.12
N TRP A 120 5.23 -12.38 -6.96
CA TRP A 120 4.70 -13.11 -5.82
C TRP A 120 3.41 -12.49 -5.28
N ARG A 121 2.37 -13.31 -5.21
CA ARG A 121 1.08 -12.88 -4.67
C ARG A 121 1.14 -12.91 -3.12
N PRO A 122 0.93 -11.74 -2.49
CA PRO A 122 1.03 -11.70 -1.03
C PRO A 122 -0.26 -12.23 -0.43
N PRO A 123 -0.23 -12.57 0.87
CA PRO A 123 0.89 -12.54 1.82
C PRO A 123 1.69 -13.85 1.85
N GLY A 124 1.24 -14.85 1.11
CA GLY A 124 1.96 -16.14 1.06
C GLY A 124 1.52 -17.06 2.19
N SER A 125 2.31 -18.11 2.46
CA SER A 125 1.86 -19.18 3.34
C SER A 125 1.77 -18.78 4.83
N ASP A 126 2.38 -17.65 5.20
CA ASP A 126 2.27 -17.14 6.57
C ASP A 126 0.95 -16.39 6.85
N GLY A 127 0.15 -16.16 5.81
CA GLY A 127 -1.20 -15.60 6.02
C GLY A 127 -2.26 -16.61 6.40
N THR A 128 -3.13 -16.25 7.33
CA THR A 128 -4.30 -17.05 7.64
C THR A 128 -5.46 -16.51 6.78
N PHE A 129 -5.90 -17.34 5.85
CA PHE A 129 -7.05 -16.99 5.01
C PHE A 129 -8.32 -17.00 5.84
N LEU A 130 -9.13 -15.94 5.73
CA LEU A 130 -10.33 -15.78 6.53
C LEU A 130 -11.60 -15.65 5.70
N GLY A 131 -11.44 -15.49 4.39
CA GLY A 131 -12.64 -15.44 3.50
C GLY A 131 -12.48 -14.46 2.36
N THR A 132 -13.58 -14.07 1.72
CA THR A 132 -13.52 -13.16 0.60
C THR A 132 -14.52 -12.00 0.74
N VAL A 133 -14.26 -10.93 0.00
CA VAL A 133 -15.18 -9.79 -0.13
C VAL A 133 -15.23 -9.36 -1.59
N ASN A 134 -16.44 -9.09 -2.11
CA ASN A 134 -16.61 -8.48 -3.43
C ASN A 134 -16.67 -6.99 -3.29
N SER A 135 -15.88 -6.28 -4.09
CA SER A 135 -15.90 -4.84 -4.09
C SER A 135 -15.35 -4.34 -5.42
N ASP A 136 -15.94 -3.27 -5.95
CA ASP A 136 -15.35 -2.58 -7.12
C ASP A 136 -15.08 -3.51 -8.30
N GLY A 137 -16.07 -4.36 -8.58
CA GLY A 137 -16.03 -5.31 -9.70
C GLY A 137 -15.00 -6.42 -9.53
N GLY A 138 -14.40 -6.53 -8.35
CA GLY A 138 -13.47 -7.62 -8.10
C GLY A 138 -13.82 -8.45 -6.88
N THR A 139 -13.07 -9.54 -6.69
CA THR A 139 -13.19 -10.34 -5.48
C THR A 139 -11.83 -10.37 -4.81
N TYR A 140 -11.80 -10.15 -3.50
CA TYR A 140 -10.53 -10.12 -2.76
C TYR A 140 -10.46 -11.19 -1.67
N ASP A 141 -9.32 -11.86 -1.60
CA ASP A 141 -9.09 -12.83 -0.55
C ASP A 141 -8.59 -12.07 0.70
N ILE A 142 -9.13 -12.40 1.86
CA ILE A 142 -8.82 -11.73 3.11
C ILE A 142 -7.89 -12.60 3.94
N TYR A 143 -6.82 -11.98 4.42
CA TYR A 143 -5.87 -12.68 5.30
C TYR A 143 -5.42 -11.86 6.48
N ARG A 144 -5.11 -12.55 7.57
CA ARG A 144 -4.26 -11.96 8.63
C ARG A 144 -2.85 -12.53 8.51
N ALA A 145 -1.83 -11.66 8.66
CA ALA A 145 -0.45 -12.11 8.76
C ALA A 145 0.21 -11.35 9.90
N GLN A 146 1.32 -11.86 10.41
CA GLN A 146 2.06 -11.19 11.49
C GLN A 146 3.44 -10.90 10.94
N ARG A 147 3.95 -9.71 11.25
CA ARG A 147 5.31 -9.34 10.91
C ARG A 147 6.10 -9.23 12.20
N VAL A 148 7.32 -9.74 12.19
CA VAL A 148 8.14 -9.81 13.41
C VAL A 148 9.32 -8.86 13.22
N ASN A 149 9.43 -7.91 14.15
CA ASN A 149 10.51 -6.93 14.17
C ASN A 149 10.65 -6.20 12.85
N ALA A 150 9.54 -5.67 12.33
CA ALA A 150 9.53 -5.05 11.02
C ALA A 150 9.32 -3.55 11.19
N PRO A 151 9.73 -2.74 10.20
CA PRO A 151 9.56 -1.28 10.35
C PRO A 151 8.09 -0.95 10.47
N SER A 152 7.78 0.05 11.30
CA SER A 152 6.41 0.50 11.49
C SER A 152 6.44 1.97 11.80
N ILE A 153 5.26 2.57 11.89
CA ILE A 153 5.13 3.99 12.20
C ILE A 153 5.52 4.33 13.66
N ILE A 154 5.74 3.33 14.46
CA ILE A 154 6.25 3.60 15.84
C ILE A 154 7.70 3.13 16.04
N GLY A 155 8.36 2.71 14.95
CA GLY A 155 9.69 2.08 15.05
C GLY A 155 9.54 0.59 14.78
N ASN A 156 10.65 -0.16 14.78
CA ASN A 156 10.55 -1.61 14.57
C ASN A 156 9.65 -2.30 15.56
N ALA A 157 8.75 -3.16 15.06
CA ALA A 157 7.68 -3.68 15.90
C ALA A 157 7.20 -5.03 15.37
N THR A 158 6.56 -5.79 16.24
CA THR A 158 5.83 -7.00 15.86
C THR A 158 4.34 -6.70 15.92
N PHE A 159 3.65 -6.95 14.81
CA PHE A 159 2.26 -6.53 14.70
C PHE A 159 1.53 -7.36 13.64
N TYR A 160 0.21 -7.27 13.63
CA TYR A 160 -0.59 -7.93 12.60
C TYR A 160 -0.84 -7.04 11.38
N GLN A 161 -0.96 -7.70 10.23
CA GLN A 161 -1.36 -7.07 9.01
C GLN A 161 -2.73 -7.58 8.64
N TYR A 162 -3.55 -6.68 8.10
CA TYR A 162 -4.81 -7.04 7.47
C TYR A 162 -4.64 -6.93 5.95
N TRP A 163 -4.99 -7.99 5.23
CA TRP A 163 -4.82 -8.01 3.77
C TRP A 163 -6.13 -8.31 3.05
N SER A 164 -6.48 -7.51 2.04
CA SER A 164 -7.42 -7.91 0.97
C SER A 164 -6.58 -7.97 -0.30
N VAL A 165 -6.59 -9.13 -0.96
CA VAL A 165 -5.75 -9.34 -2.14
C VAL A 165 -6.67 -9.71 -3.31
N ARG A 166 -6.76 -8.83 -4.32
N ARG A 166 -6.72 -8.85 -4.31
CA ARG A 166 -7.66 -9.08 -5.47
CA ARG A 166 -7.56 -9.10 -5.46
C ARG A 166 -7.28 -10.38 -6.16
C ARG A 166 -7.24 -10.46 -6.09
N GLN A 167 -8.28 -11.17 -6.54
CA GLN A 167 -8.07 -12.47 -7.17
C GLN A 167 -7.52 -12.35 -8.60
N SER A 168 -7.78 -11.20 -9.25
CA SER A 168 -7.23 -10.92 -10.59
C SER A 168 -6.53 -9.56 -10.47
N LYS A 169 -5.42 -9.36 -11.16
CA LYS A 169 -4.63 -8.14 -11.05
C LYS A 169 -5.24 -7.01 -11.86
N ARG A 170 -5.16 -5.81 -11.34
CA ARG A 170 -5.50 -4.64 -12.14
C ARG A 170 -4.74 -3.41 -11.66
N VAL A 171 -4.62 -2.45 -12.57
CA VAL A 171 -4.02 -1.16 -12.24
C VAL A 171 -5.02 -0.07 -12.68
N GLY A 172 -5.88 0.32 -11.74
CA GLY A 172 -6.78 1.45 -11.99
C GLY A 172 -8.21 1.12 -11.67
N GLY A 173 -8.87 2.05 -10.95
CA GLY A 173 -10.24 1.87 -10.57
C GLY A 173 -10.54 2.60 -9.30
N THR A 174 -11.62 2.20 -8.66
CA THR A 174 -12.01 2.73 -7.35
C THR A 174 -11.82 1.68 -6.28
N ILE A 175 -11.44 2.09 -5.08
CA ILE A 175 -11.41 1.19 -3.94
C ILE A 175 -12.39 1.75 -2.92
N THR A 176 -13.48 1.00 -2.70
CA THR A 176 -14.54 1.34 -1.72
C THR A 176 -14.11 0.77 -0.36
N THR A 177 -13.31 1.58 0.34
CA THR A 177 -12.55 1.13 1.48
C THR A 177 -13.48 0.57 2.56
N GLY A 178 -14.66 1.18 2.73
CA GLY A 178 -15.62 0.74 3.72
C GLY A 178 -16.02 -0.71 3.55
N ASN A 179 -16.12 -1.19 2.29
CA ASN A 179 -16.45 -2.60 2.03
C ASN A 179 -15.39 -3.52 2.64
N HIS A 180 -14.12 -3.15 2.45
CA HIS A 180 -13.00 -3.90 3.06
C HIS A 180 -13.00 -3.83 4.58
N PHE A 181 -13.09 -2.64 5.14
CA PHE A 181 -13.08 -2.51 6.60
C PHE A 181 -14.22 -3.36 7.24
N ASP A 182 -15.41 -3.30 6.65
CA ASP A 182 -16.56 -4.06 7.11
C ASP A 182 -16.33 -5.57 6.98
N ALA A 183 -15.81 -6.02 5.83
CA ALA A 183 -15.50 -7.46 5.66
C ALA A 183 -14.42 -7.92 6.68
N TRP A 184 -13.39 -7.11 6.86
CA TRP A 184 -12.33 -7.40 7.86
C TRP A 184 -12.93 -7.51 9.26
N ALA A 185 -13.79 -6.55 9.63
CA ALA A 185 -14.43 -6.57 10.95
C ALA A 185 -15.25 -7.84 11.19
N SER A 186 -15.92 -8.34 10.14
CA SER A 186 -16.78 -9.53 10.25
C SER A 186 -15.96 -10.81 10.49
N VAL A 187 -14.64 -10.75 10.24
CA VAL A 187 -13.75 -11.86 10.56
C VAL A 187 -12.71 -11.49 11.64
N GLY A 188 -13.04 -10.53 12.49
CA GLY A 188 -12.24 -10.26 13.69
C GLY A 188 -11.04 -9.36 13.48
N LEU A 189 -10.89 -8.85 12.25
CA LEU A 189 -9.85 -7.89 11.92
C LEU A 189 -10.35 -6.47 12.13
N ASN A 190 -10.30 -6.05 13.39
CA ASN A 190 -10.81 -4.75 13.76
C ASN A 190 -9.72 -3.69 13.80
N LEU A 191 -10.05 -2.51 13.29
CA LEU A 191 -9.06 -1.46 13.15
C LEU A 191 -8.89 -0.63 14.42
N GLY A 192 -7.72 -0.02 14.54
CA GLY A 192 -7.45 0.93 15.61
C GLY A 192 -7.75 2.34 15.14
N THR A 193 -7.12 3.30 15.81
CA THR A 193 -7.22 4.70 15.43
C THR A 193 -6.43 4.93 14.14
N HIS A 194 -7.09 5.50 13.14
CA HIS A 194 -6.47 5.65 11.83
C HIS A 194 -5.26 6.55 11.84
N ASN A 195 -4.22 6.06 11.18
CA ASN A 195 -3.08 6.87 10.83
C ASN A 195 -3.09 7.06 9.31
N TYR A 196 -1.94 7.15 8.66
CA TYR A 196 -1.96 7.52 7.24
C TYR A 196 -2.55 6.48 6.29
N GLN A 197 -2.92 6.92 5.09
CA GLN A 197 -3.70 6.12 4.11
C GLN A 197 -3.37 6.62 2.69
N ILE A 198 -2.64 5.81 1.95
CA ILE A 198 -2.07 6.22 0.66
C ILE A 198 -2.29 5.15 -0.38
N MET A 199 -2.34 5.57 -1.65
CA MET A 199 -2.35 4.60 -2.74
C MET A 199 -0.90 4.30 -3.05
N ALA A 200 -0.44 3.15 -2.53
CA ALA A 200 1.01 2.89 -2.43
C ALA A 200 1.55 1.97 -3.49
N THR A 201 2.81 2.22 -3.81
CA THR A 201 3.67 1.28 -4.53
C THR A 201 4.70 0.75 -3.52
N GLU A 202 4.87 -0.57 -3.49
CA GLU A 202 5.83 -1.23 -2.61
C GLU A 202 6.71 -2.14 -3.43
N GLY A 203 8.00 -2.16 -3.09
CA GLY A 203 8.96 -3.03 -3.75
C GLY A 203 9.73 -3.79 -2.70
N TYR A 204 10.05 -5.03 -3.03
CA TYR A 204 10.86 -5.88 -2.16
C TYR A 204 11.94 -6.64 -2.95
N GLN A 205 13.19 -6.29 -2.67
CA GLN A 205 14.34 -6.89 -3.33
C GLN A 205 14.15 -7.02 -4.84
N SER A 206 13.86 -5.88 -5.47
CA SER A 206 13.48 -5.83 -6.87
C SER A 206 13.80 -4.46 -7.48
N SER A 207 13.49 -4.35 -8.77
CA SER A 207 13.52 -3.08 -9.47
CA SER A 207 13.53 -3.09 -9.48
C SER A 207 12.18 -2.92 -10.18
N GLY A 208 11.83 -1.69 -10.52
CA GLY A 208 10.55 -1.47 -11.19
C GLY A 208 10.16 -0.02 -11.24
N SER A 209 8.91 0.23 -11.64
CA SER A 209 8.37 1.58 -11.75
C SER A 209 6.83 1.61 -11.57
N SER A 210 6.35 2.80 -11.26
CA SER A 210 4.92 3.08 -11.20
C SER A 210 4.69 4.57 -11.49
N ASP A 211 3.45 4.86 -11.90
CA ASP A 211 2.99 6.21 -12.20
C ASP A 211 1.51 6.17 -11.83
N ILE A 212 1.21 6.75 -10.66
CA ILE A 212 -0.11 6.65 -10.03
C ILE A 212 -0.70 8.01 -9.71
N THR A 213 -1.91 8.23 -10.22
CA THR A 213 -2.67 9.43 -9.87
C THR A 213 -3.82 9.07 -8.93
N VAL A 214 -3.82 9.69 -7.75
CA VAL A 214 -4.81 9.42 -6.71
C VAL A 214 -5.89 10.48 -6.69
N SER A 215 -7.03 10.02 -6.21
CA SER A 215 -8.37 10.55 -6.38
C SER A 215 -8.73 11.53 -7.47
S SO4 B . 16.23 14.18 -1.31
O1 SO4 B . 17.36 13.87 -0.43
O2 SO4 B . 16.74 14.07 -2.68
O3 SO4 B . 15.14 13.23 -1.11
O4 SO4 B . 15.69 15.50 -1.02
S SO4 C . -5.55 14.74 5.53
O1 SO4 C . -4.41 14.48 4.62
O2 SO4 C . -6.77 14.84 4.72
O3 SO4 C . -5.72 13.70 6.54
O4 SO4 C . -5.40 16.06 6.18
O37 12P D . -20.72 -8.50 -5.36
C36 12P D . -21.54 -7.94 -4.33
C35 12P D . -20.66 -7.27 -3.29
O34 12P D . -21.46 -7.01 -2.14
C33 12P D . -20.82 -7.45 -0.96
C32 12P D . -19.95 -6.32 -0.41
O31 12P D . -20.26 -6.23 0.97
C30 12P D . -19.56 -5.16 1.60
C29 12P D . -20.04 -5.17 3.04
O28 12P D . -19.60 -6.38 3.64
O37 12P E . -13.63 4.61 22.38
C36 12P E . -13.76 5.53 21.24
C35 12P E . -13.53 5.40 20.37
O34 12P E . -13.52 4.85 19.05
C33 12P E . -12.50 5.39 18.20
C32 12P E . -11.98 4.35 17.23
O31 12P E . -10.79 3.69 17.71
C30 12P E . -10.84 2.26 17.69
C29 12P E . -9.84 1.62 18.65
O28 12P E . -9.83 0.55 19.20
C27 12P E . -9.35 0.20 20.50
C26 12P E . -9.56 1.42 21.34
O25 12P E . -9.32 1.15 22.72
C24 12P E . -9.74 2.25 23.53
C23 12P E . -11.26 2.31 23.53
O22 12P E . -11.77 3.05 24.62
C21 12P E . -12.98 2.44 25.06
C20 12P E . -13.79 3.40 25.92
O19 12P E . -13.79 2.99 27.30
C18 12P E . -13.72 4.12 28.18
O37 12P F . 7.55 -1.32 5.17
C36 12P F . 6.64 -0.37 5.66
C35 12P F . 7.37 0.47 6.69
O34 12P F . 6.68 1.66 6.87
C33 12P F . 7.28 2.48 7.78
C32 12P F . 6.20 3.43 8.25
O31 12P F . 5.96 4.48 7.42
C30 12P F . 6.79 5.58 7.71
C29 12P F . 6.04 6.86 7.46
O28 12P F . 5.66 7.48 8.69
C27 12P F . 4.50 8.26 8.63
C24 12P F . 4.13 8.39 10.91
O22 12P F . 4.82 10.11 12.59
#